data_8IJC
#
_entry.id   8IJC
#
loop_
_entity.id
_entity.type
_entity.pdbx_description
1 polymer 'G-quadruplex DNA MYT1L'
2 non-polymer Pt(NH3)2(2-(pyridin-4-ylmethyl)benzo-[lmn][3,8]phenanthroline-1,3,6,8(2H,7H)-tetraone)
#
_entity_poly.entity_id   1
_entity_poly.type   'polydeoxyribonucleotide'
_entity_poly.pdbx_seq_one_letter_code
;(DA)(DG)(DG)(DG)(DA)(DG)(DA)(DG)(DG)(DA)(DG)(DA)(DG)(DC)(DT)(DC)(DT)(DG)(DG)(DG)
(DT)(DT)(DG)(DG)(DG)(DT)(DG)(DG)(DG)
;
_entity_poly.pdbx_strand_id   A
#
loop_
_chem_comp.id
_chem_comp.type
_chem_comp.name
_chem_comp.formula
DA DNA linking 2'-DEOXYADENOSINE-5'-MONOPHOSPHATE 'C10 H14 N5 O6 P'
DC DNA linking 2'-DEOXYCYTIDINE-5'-MONOPHOSPHATE 'C9 H14 N3 O7 P'
DG DNA linking 2'-DEOXYGUANOSINE-5'-MONOPHOSPHATE 'C10 H14 N5 O7 P'
DT DNA linking THYMIDINE-5'-MONOPHOSPHATE 'C10 H15 N2 O8 P'
Q3Z non-polymer Pt(NH3)2(2-(pyridin-4-ylmethyl)benzo-[lmn][3,8]phenanthroline-1,3,6,8(2H,7H)-tetraone) 'C20 H17 N5 O4 Pt'
#
# COMPACT_ATOMS: atom_id res chain seq x y z
N2 Q3Z B . -2.82 4.39 1.56
PT1 Q3Z B . -4.23 4.14 0.23
N1 Q3Z B . -5.65 3.90 -1.09
N26 Q3Z B . -3.02 3.05 -0.85
C25 Q3Z B . -3.27 1.71 -1.03
C24 Q3Z B . -2.36 0.90 -1.77
C23 Q3Z B . -1.22 1.46 -2.31
C28 Q3Z B . -0.97 2.82 -2.13
C27 Q3Z B . -1.87 3.61 -1.39
C29 Q3Z B . -0.21 0.59 -3.08
N17 Q3Z B . 0.64 -0.23 -2.12
C16 Q3Z B . 1.73 0.43 -1.48
O19 Q3Z B . 2.07 1.59 -1.74
C4 Q3Z B . 2.48 -0.37 -0.45
C3 Q3Z B . 3.56 0.22 0.22
C8 Q3Z B . 4.28 -0.51 1.21
C7 Q3Z B . 3.91 -1.84 1.52
C6 Q3Z B . 2.82 -2.44 0.86
C5 Q3Z B . 2.10 -1.71 -0.14
C9 Q3Z B . 1.01 -2.33 -0.82
C18 Q3Z B . 0.21 -1.57 -1.87
O20 Q3Z B . -0.71 -2.14 -2.45
C10 Q3Z B . 0.64 -3.64 -0.49
C11 Q3Z B . 1.34 -4.36 0.51
C12 Q3Z B . 2.42 -3.77 1.18
C13 Q3Z B . 3.15 -4.56 2.23
O22 Q3Z B . 2.84 -5.70 2.56
N14 Q3Z B . 4.23 -3.88 2.85
C15 Q3Z B . 4.68 -2.57 2.59
O21 Q3Z B . 5.63 -2.11 3.20
H46 Q3Z B . -3.18 4.20 2.47
H32 Q3Z B . -2.48 5.33 1.52
H45 Q3Z B . -5.26 3.92 -2.01
H30 Q3Z B . -6.32 4.64 -0.99
H40 Q3Z B . -4.16 1.27 -0.60
H39 Q3Z B . -2.58 -0.15 -1.91
H42 Q3Z B . -0.07 3.28 -2.55
H41 Q3Z B . -1.68 4.67 -1.25
H43 Q3Z B . 0.47 1.22 -3.66
H44 Q3Z B . -0.74 -0.08 -3.75
H34 Q3Z B . 3.86 1.24 0.00
H35 Q3Z B . 5.12 -0.04 1.72
H36 Q3Z B . -0.20 -4.12 -1.00
H37 Q3Z B . 1.03 -5.37 0.76
H38 Q3Z B . 4.73 -4.41 3.57
H31 Q3Z B . -6.11 3.02 -0.92
H33 Q3Z B . -2.06 3.77 1.36
N2 Q3Z B . -3.29 4.21 1.72
PT1 Q3Z B . -4.69 3.76 0.42
N1 Q3Z B . -6.08 3.33 -0.88
N26 Q3Z B . -3.36 2.80 -0.64
C25 Q3Z B . -3.48 1.45 -0.84
C24 Q3Z B . -2.50 0.73 -1.55
C23 Q3Z B . -1.39 1.41 -2.06
C28 Q3Z B . -1.27 2.77 -1.86
C27 Q3Z B . -2.27 3.47 -1.14
C29 Q3Z B . -0.29 0.63 -2.80
N17 Q3Z B . 0.54 -0.20 -1.84
C16 Q3Z B . 1.57 0.46 -1.11
O19 Q3Z B . 1.81 1.67 -1.21
C4 Q3Z B . 2.37 -0.38 -0.15
C3 Q3Z B . 3.39 0.20 0.60
C8 Q3Z B . 4.16 -0.57 1.52
C7 Q3Z B . 3.89 -1.94 1.68
C6 Q3Z B . 2.84 -2.55 0.93
C5 Q3Z B . 2.09 -1.78 -0.01
C9 Q3Z B . 1.06 -2.39 -0.77
C18 Q3Z B . 0.23 -1.59 -1.74
O20 Q3Z B . -0.64 -2.15 -2.41
C10 Q3Z B . 0.80 -3.76 -0.59
C11 Q3Z B . 1.54 -4.52 0.33
C12 Q3Z B . 2.56 -3.94 1.09
C13 Q3Z B . 3.33 -4.79 2.05
O22 Q3Z B . 3.12 -5.98 2.25
N14 Q3Z B . 4.35 -4.11 2.77
C15 Q3Z B . 4.70 -2.75 2.66
O21 Q3Z B . 5.63 -2.28 3.33
H46 Q3Z B . -3.11 5.19 1.69
H32 Q3Z B . -2.46 3.71 1.49
H45 Q3Z B . -5.74 3.48 -1.80
H30 Q3Z B . -6.89 3.92 -0.73
H40 Q3Z B . -4.35 0.92 -0.44
H39 Q3Z B . -2.61 -0.33 -1.70
H42 Q3Z B . -0.41 3.31 -2.26
H41 Q3Z B . -2.18 4.54 -1.00
H43 Q3Z B . 0.38 1.33 -3.30
H44 Q3Z B . -0.73 -0.02 -3.54
H34 Q3Z B . 3.61 1.27 0.50
H35 Q3Z B . 4.95 -0.10 2.09
H36 Q3Z B . 0.01 -4.23 -1.17
H37 Q3Z B . 1.32 -5.59 0.46
H38 Q3Z B . 4.89 -4.67 3.42
H31 Q3Z B . -6.35 2.38 -0.78
H33 Q3Z B . -3.60 3.94 2.64
N2 Q3Z B . -3.91 4.04 1.13
PT1 Q3Z B . -5.12 3.24 -0.19
N1 Q3Z B . -6.32 2.45 -1.49
N26 Q3Z B . -3.61 2.36 -1.04
C25 Q3Z B . -3.66 1.01 -1.31
C24 Q3Z B . -2.58 0.35 -1.92
C23 Q3Z B . -1.44 1.06 -2.26
C28 Q3Z B . -1.38 2.43 -1.98
C27 Q3Z B . -2.48 3.06 -1.38
C29 Q3Z B . -0.24 0.36 -2.88
N17 Q3Z B . 0.54 -0.41 -1.84
C16 Q3Z B . 1.57 0.28 -1.14
O19 Q3Z B . 1.86 1.48 -1.34
C4 Q3Z B . 2.31 -0.50 -0.08
C3 Q3Z B . 3.32 0.13 0.65
C8 Q3Z B . 4.03 -0.59 1.65
C7 Q3Z B . 3.73 -1.94 1.91
C6 Q3Z B . 2.69 -2.58 1.19
C5 Q3Z B . 1.98 -1.86 0.17
C9 Q3Z B . 0.95 -2.52 -0.56
C18 Q3Z B . 0.18 -1.78 -1.63
O20 Q3Z B . -0.68 -2.38 -2.29
C10 Q3Z B . 0.65 -3.86 -0.30
C11 Q3Z B . 1.35 -4.57 0.71
C12 Q3Z B . 2.36 -3.94 1.44
C13 Q3Z B . 3.10 -4.72 2.50
O22 Q3Z B . 2.86 -5.89 2.77
N14 Q3Z B . 4.11 -4.01 3.17
C15 Q3Z B . 4.49 -2.67 2.97
O21 Q3Z B . 5.39 -2.16 3.64
H46 Q3Z B . -4.30 3.95 2.05
H32 Q3Z B . -3.78 5.02 0.91
H45 Q3Z B . -5.91 2.50 -2.41
H30 Q3Z B . -7.19 2.95 -1.49
H40 Q3Z B . -4.56 0.45 -1.05
H39 Q3Z B . -2.65 -0.71 -2.13
H42 Q3Z B . -0.50 3.01 -2.24
H41 Q3Z B . -2.43 4.14 -1.17
H43 Q3Z B . 0.43 1.08 -3.33
H44 Q3Z B . -0.58 -0.35 -3.65
H34 Q3Z B . 3.57 1.17 0.46
H35 Q3Z B . 4.82 -0.09 2.21
H36 Q3Z B . -0.14 -4.36 -0.86
H37 Q3Z B . 1.10 -5.61 0.91
H38 Q3Z B . 4.63 -4.53 3.87
H31 Q3Z B . -6.49 1.49 -1.25
H33 Q3Z B . -3.02 3.58 1.09
N2 Q3Z B . -2.99 3.91 2.05
PT1 Q3Z B . -4.20 3.13 0.73
N1 Q3Z B . -5.41 2.37 -0.59
N26 Q3Z B . -2.69 2.28 -0.16
C25 Q3Z B . -2.69 0.93 -0.37
C24 Q3Z B . -1.60 0.30 -0.99
C23 Q3Z B . -0.50 1.05 -1.40
C28 Q3Z B . -0.50 2.42 -1.18
C27 Q3Z B . -1.60 3.03 -0.56
C29 Q3Z B . 0.71 0.36 -2.04
N17 Q3Z B . 1.52 -0.40 -1.00
C16 Q3Z B . 2.52 0.34 -0.28
O19 Q3Z B . 2.80 1.51 -0.52
C4 Q3Z B . 3.23 -0.41 0.81
C3 Q3Z B . 4.21 0.25 1.57
C8 Q3Z B . 4.90 -0.43 2.61
C7 Q3Z B . 4.60 -1.77 2.92
C6 Q3Z B . 3.60 -2.45 2.17
C5 Q3Z B . 2.92 -1.78 1.09
C9 Q3Z B . 1.92 -2.46 0.35
C18 Q3Z B . 1.17 -1.77 -0.76
O20 Q3Z B . 0.33 -2.39 -1.43
C10 Q3Z B . 1.61 -3.80 0.66
C11 Q3Z B . 2.29 -4.47 1.71
C12 Q3Z B . 3.27 -3.80 2.47
C13 Q3Z B . 3.98 -4.53 3.59
O22 Q3Z B . 3.73 -5.70 3.90
N14 Q3Z B . 4.94 -3.79 4.28
C15 Q3Z B . 5.33 -2.45 4.04
O21 Q3Z B . 6.21 -1.92 4.70
H46 Q3Z B . -2.96 4.90 1.93
H32 Q3Z B . -2.07 3.54 1.93
H45 Q3Z B . -5.08 2.57 -1.51
H30 Q3Z B . -6.32 2.77 -0.47
H40 Q3Z B . -3.55 0.33 -0.06
H39 Q3Z B . -1.63 -0.78 -1.17
H42 Q3Z B . 0.35 3.02 -1.49
H41 Q3Z B . -1.60 4.11 -0.39
H43 Q3Z B . 1.36 1.12 -2.49
H44 Q3Z B . 0.38 -0.33 -2.81
H34 Q3Z B . 4.46 1.29 1.35
H35 Q3Z B . 5.66 0.10 3.19
H36 Q3Z B . 0.85 -4.33 0.09
H37 Q3Z B . 2.04 -5.50 1.94
H38 Q3Z B . 5.43 -4.26 5.04
H31 Q3Z B . -5.47 1.37 -0.46
H33 Q3Z B . -3.31 3.69 2.97
N2 Q3Z B . -2.89 4.77 1.87
PT1 Q3Z B . -4.26 4.62 0.49
N1 Q3Z B . -5.63 4.46 -0.89
N26 Q3Z B . -3.05 3.51 -0.57
C25 Q3Z B . -3.24 2.16 -0.66
C24 Q3Z B . -2.35 1.34 -1.36
C23 Q3Z B . -1.23 1.92 -2.00
C28 Q3Z B . -1.04 3.29 -1.91
C27 Q3Z B . -1.95 4.08 -1.20
C29 Q3Z B . -0.22 1.03 -2.73
N17 Q3Z B . 0.50 0.12 -1.76
C16 Q3Z B . 1.53 0.71 -0.96
O19 Q3Z B . 1.89 1.89 -1.07
C4 Q3Z B . 2.19 -0.18 0.05
C3 Q3Z B . 3.20 0.33 0.89
C8 Q3Z B . 3.82 -0.49 1.86
C7 Q3Z B . 3.45 -1.84 2.00
C6 Q3Z B . 2.43 -2.38 1.17
C5 Q3Z B . 1.80 -1.55 0.19
C9 Q3Z B . 0.76 -2.09 -0.64
C18 Q3Z B . 0.08 -1.24 -1.67
O20 Q3Z B . -0.81 -1.73 -2.39
C10 Q3Z B . 0.39 -3.44 -0.48
C11 Q3Z B . 1.04 -4.26 0.48
C12 Q3Z B . 2.05 -3.74 1.31
C13 Q3Z B . 2.69 -4.63 2.33
O22 Q3Z B . 2.40 -5.81 2.49
N14 Q3Z B . 3.69 -4.02 3.11
C15 Q3Z B . 4.14 -2.68 3.04
O21 Q3Z B . 5.02 -2.27 3.79
H46 Q3Z B . -3.29 4.57 2.78
H32 Q3Z B . -2.52 5.70 1.87
H45 Q3Z B . -5.25 4.73 -1.78
H30 Q3Z B . -6.41 5.07 -0.67
H40 Q3Z B . -4.10 1.71 -0.16
H39 Q3Z B . -2.52 0.27 -1.43
H42 Q3Z B . -0.18 3.75 -2.41
H41 Q3Z B . -1.80 5.16 -1.13
H43 Q3Z B . 0.53 1.65 -3.23
H44 Q3Z B . -0.72 0.42 -3.48
H34 Q3Z B . 3.51 1.37 0.79
H35 Q3Z B . 4.60 -0.06 2.50
H36 Q3Z B . -0.39 -3.87 -1.11
H37 Q3Z B . 0.73 -5.31 0.58
H38 Q3Z B . 4.14 -4.61 3.82
H31 Q3Z B . -5.95 3.52 -0.94
H33 Q3Z B . -2.15 4.12 1.68
N2 Q3Z B . -3.21 4.30 1.67
PT1 Q3Z B . -4.51 3.66 0.38
N1 Q3Z B . -5.83 3.01 -0.91
N26 Q3Z B . -3.11 2.68 -0.58
C25 Q3Z B . -3.26 1.35 -0.84
C24 Q3Z B . -2.27 0.63 -1.52
C23 Q3Z B . -1.10 1.27 -1.95
C28 Q3Z B . -0.96 2.64 -1.69
C27 Q3Z B . -1.97 3.34 -1.00
C29 Q3Z B . 0.00 0.50 -2.68
N17 Q3Z B . 0.76 -0.41 -1.71
C16 Q3Z B . 1.89 0.16 -1.03
O19 Q3Z B . 2.30 1.30 -1.23
C4 Q3Z B . 2.58 -0.75 -0.04
C3 Q3Z B . 3.69 -0.26 0.68
C8 Q3Z B . 4.35 -1.09 1.64
C7 Q3Z B . 3.90 -2.40 1.88
C6 Q3Z B . 2.78 -2.90 1.17
C5 Q3Z B . 2.12 -2.08 0.20
C9 Q3Z B . 0.99 -2.58 -0.51
C18 Q3Z B . 0.27 -1.73 -1.53
O20 Q3Z B . -0.69 -2.21 -2.16
C10 Q3Z B . 0.54 -3.89 -0.26
C11 Q3Z B . 1.20 -4.71 0.68
C12 Q3Z B . 2.31 -4.23 1.41
C13 Q3Z B . 2.99 -5.11 2.41
O22 Q3Z B . 2.62 -6.26 2.67
N14 Q3Z B . 4.09 -4.54 3.08
C15 Q3Z B . 4.61 -3.24 2.91
O21 Q3Z B . 5.58 -2.86 3.56
H46 Q3Z B . -3.54 4.10 2.61
H32 Q3Z B . -3.08 5.28 1.57
H45 Q3Z B . -5.51 3.21 -1.84
H30 Q3Z B . -6.70 3.49 -0.77
H40 Q3Z B . -4.17 0.83 -0.50
H39 Q3Z B . -2.41 -0.43 -1.73
H42 Q3Z B . -0.06 3.17 -2.03
H41 Q3Z B . -1.85 4.40 -0.81
H43 Q3Z B . 0.71 1.19 -3.13
H44 Q3Z B . -0.43 -0.13 -3.46
H34 Q3Z B . 4.05 0.75 0.52
H35 Q3Z B . 5.21 -0.70 2.18
H36 Q3Z B . -0.31 -4.29 -0.81
H37 Q3Z B . 0.84 -5.72 0.87
H38 Q3Z B . 4.56 -5.13 3.77
H31 Q3Z B . -5.96 2.03 -0.80
H33 Q3Z B . -2.33 3.83 1.53
N2 Q3Z B . -3.34 4.51 1.79
PT1 Q3Z B . -4.72 4.07 0.50
N1 Q3Z B . -6.11 3.60 -0.80
N26 Q3Z B . -3.40 3.03 -0.50
C25 Q3Z B . -3.51 1.67 -0.61
C24 Q3Z B . -2.52 0.91 -1.26
C23 Q3Z B . -1.40 1.54 -1.80
C28 Q3Z B . -1.29 2.92 -1.70
C27 Q3Z B . -2.30 3.66 -1.04
C29 Q3Z B . -0.30 0.72 -2.49
N17 Q3Z B . 0.33 -0.29 -1.53
C16 Q3Z B . 1.30 0.20 -0.61
O19 Q3Z B . 1.69 1.36 -0.57
C4 Q3Z B . 1.87 -0.81 0.37
C3 Q3Z B . 2.83 -0.41 1.31
C8 Q3Z B . 3.37 -1.33 2.23
C7 Q3Z B . 2.94 -2.67 2.24
C6 Q3Z B . 1.97 -3.10 1.29
C5 Q3Z B . 1.43 -2.17 0.35
C9 Q3Z B . 0.45 -2.60 -0.60
C18 Q3Z B . -0.14 -1.63 -1.59
O20 Q3Z B . -0.96 -2.03 -2.42
C10 Q3Z B . 0.03 -3.94 -0.59
C11 Q3Z B . 0.56 -4.87 0.34
C12 Q3Z B . 1.52 -4.45 1.28
C13 Q3Z B . 2.06 -5.46 2.27
O22 Q3Z B . 1.72 -6.64 2.30
N14 Q3Z B . 3.04 -4.95 3.16
C15 Q3Z B . 3.53 -3.64 3.24
O21 Q3Z B . 4.39 -3.32 4.07
H46 Q3Z B . -3.63 4.19 2.71
H32 Q3Z B . -3.23 5.52 1.81
H45 Q3Z B . -5.80 3.84 -1.72
H30 Q3Z B . -6.95 4.11 -0.58
H40 Q3Z B . -4.38 1.16 -0.18
H39 Q3Z B . -2.63 -0.17 -1.34
H42 Q3Z B . -0.42 3.44 -2.12
H41 Q3Z B . -2.21 4.74 -0.97
H43 Q3Z B . 0.50 1.39 -2.83
H44 Q3Z B . -0.69 0.18 -3.34
H34 Q3Z B . 3.17 0.62 1.33
H35 Q3Z B . 4.11 -1.00 2.96
H36 Q3Z B . -0.72 -4.28 -1.31
H37 Q3Z B . 0.21 -5.90 0.33
H38 Q3Z B . 3.42 -5.62 3.83
H31 Q3Z B . -6.29 2.62 -0.75
H33 Q3Z B . -2.48 4.08 1.53
N2 Q3Z B . -2.76 5.04 1.18
PT1 Q3Z B . -4.25 4.58 0.01
N1 Q3Z B . -5.75 4.11 -1.15
N26 Q3Z B . -3.08 3.36 -0.97
C25 Q3Z B . -3.22 1.99 -0.84
C24 Q3Z B . -2.35 1.12 -1.50
C23 Q3Z B . -1.32 1.62 -2.31
C28 Q3Z B . -1.19 3.00 -2.44
C27 Q3Z B . -2.08 3.86 -1.76
C29 Q3Z B . -0.35 0.68 -3.03
N17 Q3Z B . 0.42 -0.19 -2.05
C16 Q3Z B . 1.48 0.42 -1.33
O19 Q3Z B . 1.81 1.60 -1.47
C4 Q3Z B . 2.22 -0.46 -0.35
C3 Q3Z B . 3.27 0.09 0.42
C8 Q3Z B . 3.97 -0.71 1.35
C7 Q3Z B . 3.63 -2.06 1.54
C6 Q3Z B . 2.57 -2.62 0.78
C5 Q3Z B . 1.85 -1.82 -0.17
C9 Q3Z B . 0.78 -2.38 -0.92
C18 Q3Z B . 0.01 -1.56 -1.92
O20 Q3Z B . -0.92 -2.06 -2.56
C10 Q3Z B . 0.44 -3.73 -0.72
C11 Q3Z B . 1.14 -4.54 0.21
C12 Q3Z B . 2.20 -3.99 0.97
C13 Q3Z B . 2.92 -4.86 1.96
O22 Q3Z B . 2.65 -6.04 2.16
N14 Q3Z B . 3.96 -4.22 2.67
C15 Q3Z B . 4.38 -2.88 2.55
O21 Q3Z B . 5.29 -2.43 3.24
H46 Q3Z B . -3.10 5.50 1.99
H32 Q3Z B . -2.13 5.65 0.68
H45 Q3Z B . -5.46 4.14 -2.10
H30 Q3Z B . -6.50 4.78 -1.00
H40 Q3Z B . -4.02 1.59 -0.21
H39 Q3Z B . -2.48 0.04 -1.40
H42 Q3Z B . -0.40 3.41 -3.07
H41 Q3Z B . -1.97 4.94 -1.87
H43 Q3Z B . 0.38 1.26 -3.59
H44 Q3Z B . -0.90 0.04 -3.71
H34 Q3Z B . 3.55 1.13 0.28
H35 Q3Z B . 4.78 -0.27 1.93
H36 Q3Z B . -0.37 -4.18 -1.30
H37 Q3Z B . 0.85 -5.57 0.37
H38 Q3Z B . 4.47 -4.79 3.35
H31 Q3Z B . -6.08 3.20 -0.92
H33 Q3Z B . -2.27 4.21 1.44
N2 Q3Z B . -3.67 4.10 1.43
PT1 Q3Z B . -5.02 3.51 0.15
N1 Q3Z B . -6.37 2.95 -1.14
N26 Q3Z B . -3.66 2.45 -0.78
C25 Q3Z B . -3.79 1.08 -0.87
C24 Q3Z B . -2.80 0.30 -1.50
C23 Q3Z B . -1.66 0.92 -2.05
C28 Q3Z B . -1.54 2.30 -1.96
C27 Q3Z B . -2.55 3.06 -1.32
C29 Q3Z B . -0.58 0.09 -2.75
N17 Q3Z B . 0.31 -0.66 -1.75
C16 Q3Z B . 1.42 0.07 -1.20
O19 Q3Z B . 1.69 1.23 -1.50
C4 Q3Z B . 2.25 -0.68 -0.19
C3 Q3Z B . 3.35 -0.03 0.42
C8 Q3Z B . 4.14 -0.69 1.38
C7 Q3Z B . 3.85 -2.02 1.75
C6 Q3Z B . 2.74 -2.69 1.15
C5 Q3Z B . 1.94 -2.01 0.17
C9 Q3Z B . 0.83 -2.69 -0.42
C18 Q3Z B . -0.03 -2.00 -1.43
O20 Q3Z B . -0.97 -2.61 -1.96
C10 Q3Z B . 0.54 -4.02 -0.03
C11 Q3Z B . 1.34 -4.68 0.94
C12 Q3Z B . 2.43 -4.03 1.53
C13 Q3Z B . 3.25 -4.75 2.56
O22 Q3Z B . 3.01 -5.90 2.93
N14 Q3Z B . 4.31 -4.03 3.10
C15 Q3Z B . 4.70 -2.71 2.79
O21 Q3Z B . 5.67 -2.17 3.34
H46 Q3Z B . -4.12 4.52 2.22
H32 Q3Z B . -3.06 4.76 1.00
H45 Q3Z B . -6.03 3.08 -2.07
H30 Q3Z B . -7.21 3.49 -1.01
H40 Q3Z B . -4.66 0.60 -0.45
H39 Q3Z B . -2.92 -0.78 -1.57
H42 Q3Z B . -0.67 2.80 -2.38
H41 Q3Z B . -2.44 4.14 -1.25
H43 Q3Z B . 0.05 0.74 -3.34
H44 Q3Z B . -1.04 -0.65 -3.40
H34 Q3Z B . 3.60 1.00 0.14
H35 Q3Z B . 4.98 -0.18 1.83
H36 Q3Z B . -0.30 -4.53 -0.48
H37 Q3Z B . 1.10 -5.70 1.21
H38 Q3Z B . 4.89 -4.51 3.81
H31 Q3Z B . -6.59 1.98 -0.99
H33 Q3Z B . -3.14 3.30 1.75
N2 Q3Z B . -2.50 4.74 1.95
PT1 Q3Z B . -3.85 4.26 0.62
N1 Q3Z B . -5.22 3.80 -0.68
N26 Q3Z B . -2.55 3.13 -0.30
C25 Q3Z B . -2.80 1.79 -0.47
C24 Q3Z B . -1.87 0.95 -1.11
C23 Q3Z B . -0.66 1.49 -1.58
C28 Q3Z B . -0.41 2.84 -1.40
C27 Q3Z B . -1.37 3.65 -0.76
C29 Q3Z B . 0.38 0.58 -2.26
N17 Q3Z B . 1.14 -0.25 -1.24
C16 Q3Z B . 2.21 0.38 -0.55
O19 Q3Z B . 2.59 1.53 -0.78
C4 Q3Z B . 2.90 -0.43 0.52
C3 Q3Z B . 3.96 0.12 1.25
C8 Q3Z B . 4.62 -0.62 2.26
C7 Q3Z B . 4.23 -1.93 2.55
C6 Q3Z B . 3.16 -2.53 1.83
C5 Q3Z B . 2.49 -1.78 0.80
C9 Q3Z B . 1.41 -2.36 0.07
C18 Q3Z B . 0.69 -1.60 -1.01
O20 Q3Z B . -0.22 -2.13 -1.65
C10 Q3Z B . 1.01 -3.68 0.37
C11 Q3Z B . 1.67 -4.42 1.39
C12 Q3Z B . 2.73 -3.86 2.11
C13 Q3Z B . 3.41 -4.66 3.20
O22 Q3Z B . 3.09 -5.81 3.49
N14 Q3Z B . 4.46 -4.01 3.86
C15 Q3Z B . 4.94 -2.70 3.65
O21 Q3Z B . 5.87 -2.24 4.31
H46 Q3Z B . -2.94 5.21 2.72
H32 Q3Z B . -1.82 5.35 1.52
H45 Q3Z B . -4.79 3.67 -1.58
H30 Q3Z B . -5.90 4.53 -0.74
H40 Q3Z B . -3.73 1.36 -0.11
H39 Q3Z B . -2.08 -0.11 -1.24
H42 Q3Z B . 0.53 3.28 -1.77
H41 Q3Z B . -1.17 4.73 -0.63
H43 Q3Z B . 1.11 1.19 -2.80
H44 Q3Z B . -0.11 -0.09 -2.96
H34 Q3Z B . 4.28 1.15 1.04
H35 Q3Z B . 5.44 -0.16 2.82
H36 Q3Z B . 0.19 -4.15 -0.19
H37 Q3Z B . 1.34 -5.44 1.61
H38 Q3Z B . 4.93 -4.54 4.60
H31 Q3Z B . -5.67 2.95 -0.42
H33 Q3Z B . -2.05 3.91 2.27
N2 Q3Z B . -3.30 4.75 1.51
PT1 Q3Z B . -4.72 4.24 0.27
N1 Q3Z B . -6.14 3.74 -0.96
N26 Q3Z B . -3.48 3.07 -0.66
C25 Q3Z B . -3.66 1.71 -0.64
C24 Q3Z B . -2.77 0.85 -1.31
C23 Q3Z B . -1.68 1.38 -2.00
C28 Q3Z B . -1.50 2.76 -2.03
C27 Q3Z B . -2.41 3.60 -1.35
C29 Q3Z B . -0.68 0.46 -2.70
N17 Q3Z B . 0.11 -0.36 -1.69
C16 Q3Z B . 1.18 0.29 -1.01
O19 Q3Z B . 1.52 1.45 -1.24
C4 Q3Z B . 1.91 -0.52 0.02
C3 Q3Z B . 2.98 0.06 0.73
C8 Q3Z B . 3.68 -0.67 1.71
C7 Q3Z B . 3.32 -2.00 2.00
C6 Q3Z B . 2.23 -2.61 1.30
C5 Q3Z B . 1.54 -1.86 0.30
C9 Q3Z B . 0.44 -2.47 -0.40
C18 Q3Z B . -0.32 -1.72 -1.46
O20 Q3Z B . -1.24 -2.26 -2.07
C10 Q3Z B . 0.08 -3.80 -0.10
C11 Q3Z B . 0.78 -4.53 0.89
C12 Q3Z B . 1.85 -3.94 1.60
C13 Q3Z B . 2.57 -4.75 2.64
O22 Q3Z B . 2.28 -5.90 2.93
N14 Q3Z B . 3.63 -4.08 3.27
C15 Q3Z B . 4.07 -2.76 3.05
O21 Q3Z B . 5.02 -2.29 3.69
H46 Q3Z B . -3.69 5.27 2.27
H32 Q3Z B . -2.62 5.32 1.04
H45 Q3Z B . -5.81 3.82 -1.90
H30 Q3Z B . -6.93 4.35 -0.83
H40 Q3Z B . -4.50 1.28 -0.10
H39 Q3Z B . -2.93 -0.23 -1.27
H42 Q3Z B . -0.66 3.19 -2.57
H41 Q3Z B . -2.27 4.68 -1.38
H43 Q3Z B . 0.04 1.05 -3.27
H44 Q3Z B . -1.20 -0.22 -3.36
H34 Q3Z B . 3.27 1.09 0.52
H35 Q3Z B . 4.51 -0.21 2.25
H36 Q3Z B . -0.74 -4.27 -0.64
H37 Q3Z B . 0.48 -5.56 1.12
H38 Q3Z B . 4.14 -4.61 3.99
H31 Q3Z B . -6.42 2.79 -0.78
H33 Q3Z B . -2.85 3.92 1.87
N2 Q3Z B . -3.53 4.20 1.04
PT1 Q3Z B . -4.70 3.18 -0.15
N1 Q3Z B . -5.86 2.17 -1.34
N26 Q3Z B . -3.13 2.32 -0.93
C25 Q3Z B . -3.15 0.96 -1.20
C24 Q3Z B . -2.02 0.33 -1.75
C23 Q3Z B . -0.88 1.07 -2.04
C28 Q3Z B . -0.87 2.43 -1.77
C27 Q3Z B . -2.00 3.04 -1.22
C29 Q3Z B . 0.37 0.38 -2.61
N17 Q3Z B . 1.15 -0.32 -1.51
C16 Q3Z B . 2.14 0.45 -0.81
O19 Q3Z B . 2.42 1.62 -1.10
C4 Q3Z B . 2.85 -0.26 0.32
C3 Q3Z B . 3.83 0.43 1.06
C8 Q3Z B . 4.50 -0.21 2.13
C7 Q3Z B . 4.21 -1.53 2.47
C6 Q3Z B . 3.22 -2.25 1.74
C5 Q3Z B . 2.54 -1.61 0.64
C9 Q3Z B . 1.55 -2.33 -0.09
C18 Q3Z B . 0.81 -1.68 -1.22
O20 Q3Z B . -0.02 -2.32 -1.87
C10 Q3Z B . 1.25 -3.66 0.27
C11 Q3Z B . 1.93 -4.29 1.34
C12 Q3Z B . 2.90 -3.59 2.08
C13 Q3Z B . 3.59 -4.28 3.23
O22 Q3Z B . 3.36 -5.45 3.58
N14 Q3Z B . 4.56 -3.51 3.90
C15 Q3Z B . 4.93 -2.18 3.63
O21 Q3Z B . 5.80 -1.62 4.29
H46 Q3Z B . -3.93 4.21 1.96
H32 Q3Z B . -3.45 5.14 0.70
H45 Q3Z B . -5.42 2.07 -2.23
H30 Q3Z B . -6.72 2.66 -1.45
H40 Q3Z B . -4.03 0.39 -0.97
H39 Q3Z B . -2.05 -0.73 -1.97
H42 Q3Z B . 0.02 3.03 -1.99
H41 Q3Z B . -1.99 4.12 -1.01
H43 Q3Z B . 1.02 1.12 -3.08
H44 Q3Z B . 0.08 -0.37 -3.35
H34 Q3Z B . 4.07 1.47 0.81
H35 Q3Z B . 5.26 0.34 2.69
H36 Q3Z B . 0.50 -4.22 -0.31
H37 Q3Z B . 1.68 -5.32 1.60
H38 Q3Z B . 5.03 -3.96 4.69
H31 Q3Z B . -6.04 1.27 -0.94
H33 Q3Z B . -2.63 3.77 1.07
N2 Q3Z B . -2.76 4.66 1.04
PT1 Q3Z B . -4.09 4.09 -0.28
N1 Q3Z B . -5.42 3.51 -1.57
N26 Q3Z B . -2.76 2.92 -1.12
C25 Q3Z B . -2.83 1.55 -0.97
C24 Q3Z B . -1.88 0.72 -1.57
C23 Q3Z B . -0.85 1.26 -2.33
C28 Q3Z B . -0.76 2.64 -2.48
C27 Q3Z B . -1.74 3.47 -1.87
C29 Q3Z B . 0.20 0.35 -3.00
N17 Q3Z B . 1.02 -0.41 -1.97
C16 Q3Z B . 2.11 0.29 -1.36
O19 Q3Z B . 2.44 1.45 -1.67
C4 Q3Z B . 2.86 -0.45 -0.29
C3 Q3Z B . 3.93 0.18 0.37
C8 Q3Z B . 4.65 -0.50 1.38
C7 Q3Z B . 4.30 -1.81 1.75
C6 Q3Z B . 3.22 -2.46 1.09
C5 Q3Z B . 2.49 -1.78 0.07
C9 Q3Z B . 1.40 -2.43 -0.58
C18 Q3Z B . 0.62 -1.74 -1.65
O20 Q3Z B . -0.31 -2.33 -2.21
C10 Q3Z B . 1.06 -3.75 -0.20
C11 Q3Z B . 1.78 -4.42 0.81
C12 Q3Z B . 2.85 -3.79 1.47
C13 Q3Z B . 3.59 -4.53 2.54
O22 Q3Z B . 3.32 -5.67 2.90
N14 Q3Z B . 4.65 -3.81 3.13
C15 Q3Z B . 5.08 -2.50 2.83
O21 Q3Z B . 6.02 -1.99 3.44
H46 Q3Z B . -3.23 5.10 1.81
H32 Q3Z B . -2.13 5.32 0.61
H45 Q3Z B . -4.97 3.32 -2.45
H30 Q3Z B . -6.09 4.25 -1.71
H40 Q3Z B . -3.64 1.13 -0.38
H39 Q3Z B . -1.97 -0.36 -1.45
H42 Q3Z B . 0.04 3.09 -3.06
H41 Q3Z B . -1.67 4.55 -1.99
H43 Q3Z B . 0.88 0.94 -3.59
H44 Q3Z B . -0.30 -0.37 -3.64
H34 Q3Z B . 4.21 1.20 0.09
H35 Q3Z B . 5.48 0.00 1.88
H36 Q3Z B . 0.24 -4.25 -0.70
H37 Q3Z B . 1.50 -5.44 1.09
H38 Q3Z B . 5.17 -4.29 3.87
H31 Q3Z B . -5.89 2.69 -1.24
H33 Q3Z B . -2.25 3.87 1.36
N2 Q3Z B . -2.37 5.17 0.32
PT1 Q3Z B . -3.93 4.52 -0.65
N1 Q3Z B . -5.51 3.88 -1.62
N26 Q3Z B . -2.82 3.21 -1.56
C25 Q3Z B . -3.04 1.86 -1.40
C24 Q3Z B . -2.20 0.91 -1.99
C23 Q3Z B . -1.11 1.33 -2.75
C28 Q3Z B . -0.87 2.69 -2.92
C27 Q3Z B . -1.74 3.63 -2.32
C29 Q3Z B . -0.14 0.31 -3.36
N17 Q3Z B . 0.59 -0.45 -2.26
C16 Q3Z B . 1.66 0.23 -1.61
O19 Q3Z B . 2.04 1.36 -1.92
C4 Q3Z B . 2.34 -0.52 -0.50
C3 Q3Z B . 3.41 0.09 0.19
C8 Q3Z B . 4.06 -0.59 1.24
C7 Q3Z B . 3.66 -1.87 1.62
C6 Q3Z B . 2.58 -2.51 0.94
C5 Q3Z B . 1.92 -1.83 -0.12
C9 Q3Z B . 0.84 -2.46 -0.81
C18 Q3Z B . 0.13 -1.76 -1.94
O20 Q3Z B . -0.81 -2.34 -2.53
C10 Q3Z B . 0.44 -3.75 -0.43
C11 Q3Z B . 1.10 -4.42 0.63
C12 Q3Z B . 2.16 -3.81 1.32
C13 Q3Z B . 2.83 -4.55 2.44
O22 Q3Z B . 2.52 -5.68 2.82
N14 Q3Z B . 3.89 -3.86 3.07
C15 Q3Z B . 4.37 -2.56 2.76
O21 Q3Z B . 5.32 -2.08 3.38
H46 Q3Z B . -2.50 5.04 1.30
H32 Q3Z B . -2.24 6.14 0.12
H45 Q3Z B . -5.29 3.80 -2.59
H30 Q3Z B . -6.27 4.54 -1.51
H40 Q3Z B . -3.89 1.53 -0.80
H39 Q3Z B . -2.40 -0.15 -1.86
H42 Q3Z B . -0.03 3.04 -3.52
H41 Q3Z B . -1.56 4.69 -2.46
H43 Q3Z B . 0.61 0.81 -3.97
H44 Q3Z B . -0.69 -0.41 -3.97
H34 Q3Z B . 3.73 1.09 -0.09
H35 Q3Z B . 4.89 -0.10 1.77
H36 Q3Z B . -0.38 -4.24 -0.95
H37 Q3Z B . 0.77 -5.43 0.92
H38 Q3Z B . 4.36 -4.33 3.84
H31 Q3Z B . -5.78 2.99 -1.27
H33 Q3Z B . -1.57 4.67 0.02
N2 Q3Z B . -3.35 4.59 1.41
PT1 Q3Z B . -4.80 3.95 0.28
N1 Q3Z B . -6.24 3.31 -0.86
N26 Q3Z B . -3.53 2.83 -0.69
C25 Q3Z B . -3.66 1.46 -0.67
C24 Q3Z B . -2.75 0.65 -1.36
C23 Q3Z B . -1.69 1.22 -2.06
C28 Q3Z B . -1.56 2.61 -2.08
C27 Q3Z B . -2.49 3.40 -1.39
C29 Q3Z B . -0.68 0.35 -2.80
N17 Q3Z B . 0.15 -0.49 -1.85
C16 Q3Z B . 1.25 0.14 -1.19
O19 Q3Z B . 1.57 1.32 -1.40
C4 Q3Z B . 2.04 -0.70 -0.22
C3 Q3Z B . 3.14 -0.14 0.46
C8 Q3Z B . 3.89 -0.92 1.38
C7 Q3Z B . 3.54 -2.25 1.63
C6 Q3Z B . 2.44 -2.84 0.96
C5 Q3Z B . 1.68 -2.06 0.01
C9 Q3Z B . 0.57 -2.65 -0.66
C18 Q3Z B . -0.25 -1.85 -1.64
O20 Q3Z B . -1.20 -2.38 -2.23
C10 Q3Z B . 0.23 -3.98 -0.40
C11 Q3Z B . 0.97 -4.75 0.53
C12 Q3Z B . 2.06 -4.19 1.21
C13 Q3Z B . 2.83 -5.03 2.19
O22 Q3Z B . 2.56 -6.20 2.45
N14 Q3Z B . 3.91 -4.37 2.82
C15 Q3Z B . 4.34 -3.05 2.63
O21 Q3Z B . 5.31 -2.60 3.25
H46 Q3Z B . -3.73 5.19 2.12
H32 Q3Z B . -2.69 5.10 0.86
H45 Q3Z B . -5.98 3.44 -1.82
H30 Q3Z B . -7.08 3.82 -0.65
H40 Q3Z B . -4.48 1.01 -0.13
H39 Q3Z B . -2.86 -0.43 -1.34
H42 Q3Z B . -0.75 3.07 -2.63
H41 Q3Z B . -2.39 4.49 -1.40
H43 Q3Z B . 0.01 0.97 -3.38
H44 Q3Z B . -1.19 -0.33 -3.49
H34 Q3Z B . 3.41 0.89 0.28
H35 Q3Z B . 4.73 -0.47 1.89
H36 Q3Z B . -0.62 -4.44 -0.91
H37 Q3Z B . 0.69 -5.79 0.72
H38 Q3Z B . 4.43 -4.93 3.51
H31 Q3Z B . -6.40 2.33 -0.68
H33 Q3Z B . -2.90 3.81 1.85
#